data_7BI3
#
_entry.id   7BI3
#
_cell.length_a   82.252
_cell.length_b   112.542
_cell.length_c   62.472
_cell.angle_alpha   90.000
_cell.angle_beta   90.000
_cell.angle_gamma   90.000
#
_symmetry.space_group_name_H-M   'C 2 2 21'
#
loop_
_entity.id
_entity.type
_entity.pdbx_description
1 polymer '14-3-3 protein sigma'
2 polymer 'Transcription factor p65'
3 non-polymer 4-[(6-methoxy-3,4-dihydro-2~{H}-quinolin-1-yl)sulfonyl]benzaldehyde
4 non-polymer GLYCEROL
5 non-polymer 'CALCIUM ION'
6 non-polymer 'CHLORIDE ION'
7 non-polymer DI(HYDROXYETHYL)ETHER
8 water water
#
loop_
_entity_poly.entity_id
_entity_poly.type
_entity_poly.pdbx_seq_one_letter_code
_entity_poly.pdbx_strand_id
1 'polypeptide(L)'
;GAMGSMERASLIQKAKLAEQAERYEDMAAFMKGAVEKGEELS(CSO)EERNLLSVAYKNVVGGQRAAWRVLSSIEQKSNE
EGSEEKGPEVREYREKVETELQGVCDTVLGLLDSHLIKEAGDAESRVFYLKMKGDYYRYLAEVATGDDKKRIIDSARSAY
QEAMDISKKEMPPTNPIRLGLALNFSVFHYEIANSPEEAISLAKTTFDEAMADLHTLSEDSYKDSTLIMQLLRDNLTLWT
ADNAGEEGGEAPQEPQS
;
A
2 'polypeptide(L)' EGRSAG(SEP)IPGRRS P
#
loop_
_chem_comp.id
_chem_comp.type
_chem_comp.name
_chem_comp.formula
CA non-polymer 'CALCIUM ION' 'Ca 2'
CL non-polymer 'CHLORIDE ION' 'Cl -1'
GOL non-polymer GLYCEROL 'C3 H8 O3'
PEG non-polymer DI(HYDROXYETHYL)ETHER 'C4 H10 O3'
TQW non-polymer 4-[(6-methoxy-3,4-dihydro-2~{H}-quinolin-1-yl)sulfonyl]benzaldehyde 'C17 H17 N O4 S'
#
# COMPACT_ATOMS: atom_id res chain seq x y z
N ALA A 2 14.05 18.52 -5.89
CA ALA A 2 13.94 18.71 -7.34
C ALA A 2 12.73 19.58 -7.71
N MET A 3 11.66 19.44 -6.92
CA MET A 3 10.44 20.24 -7.05
C MET A 3 10.47 21.43 -6.09
N GLY A 4 11.64 21.73 -5.54
CA GLY A 4 11.75 22.73 -4.49
C GLY A 4 11.31 24.12 -4.90
N SER A 5 11.40 24.44 -6.19
CA SER A 5 11.04 25.78 -6.62
C SER A 5 9.59 25.90 -7.02
N MET A 6 8.81 24.80 -7.04
CA MET A 6 7.41 24.91 -7.39
C MET A 6 6.53 25.05 -6.18
N GLU A 7 5.52 25.90 -6.27
CA GLU A 7 4.55 26.08 -5.17
C GLU A 7 3.86 24.77 -4.80
N ARG A 8 3.59 24.59 -3.49
CA ARG A 8 2.82 23.42 -3.04
C ARG A 8 1.52 23.26 -3.83
N ALA A 9 0.75 24.34 -3.98
CA ALA A 9 -0.55 24.22 -4.60
C ALA A 9 -0.42 23.81 -6.06
N SER A 10 0.64 24.28 -6.72
CA SER A 10 0.90 23.88 -8.11
C SER A 10 1.30 22.43 -8.22
N LEU A 11 2.09 21.92 -7.26
CA LEU A 11 2.44 20.50 -7.26
C LEU A 11 1.18 19.65 -7.11
N ILE A 12 0.28 20.04 -6.20
CA ILE A 12 -0.97 19.28 -6.02
C ILE A 12 -1.80 19.31 -7.28
N GLN A 13 -1.93 20.49 -7.87
CA GLN A 13 -2.70 20.61 -9.11
C GLN A 13 -2.11 19.72 -10.20
N LYS A 14 -0.79 19.77 -10.36
CA LYS A 14 -0.15 18.94 -11.39
C LYS A 14 -0.23 17.45 -11.08
N ALA A 15 -0.24 17.05 -9.80
CA ALA A 15 -0.46 15.64 -9.49
C ALA A 15 -1.82 15.19 -9.96
N LYS A 16 -2.84 16.04 -9.79
CA LYS A 16 -4.18 15.69 -10.27
C LYS A 16 -4.22 15.57 -11.78
N LEU A 17 -3.56 16.51 -12.47
CA LEU A 17 -3.45 16.43 -13.94
C LEU A 17 -2.69 15.19 -14.39
N ALA A 18 -1.60 14.86 -13.68
CA ALA A 18 -0.83 13.70 -14.06
C ALA A 18 -1.67 12.43 -13.93
N GLU A 19 -2.50 12.33 -12.89
CA GLU A 19 -3.37 11.16 -12.78
C GLU A 19 -4.32 11.09 -13.96
N GLN A 20 -4.93 12.21 -14.33
CA GLN A 20 -5.86 12.21 -15.47
C GLN A 20 -5.16 11.78 -16.75
N ALA A 21 -3.89 12.14 -16.91
CA ALA A 21 -3.10 11.79 -18.09
C ALA A 21 -2.43 10.42 -17.95
N GLU A 22 -2.67 9.72 -16.85
CA GLU A 22 -2.06 8.41 -16.58
C GLU A 22 -0.53 8.45 -16.59
N ARG A 23 0.02 9.52 -16.03
CA ARG A 23 1.43 9.76 -15.93
C ARG A 23 1.79 9.60 -14.46
N TYR A 24 1.85 8.35 -14.02
CA TYR A 24 1.94 8.11 -12.57
C TYR A 24 3.33 8.37 -12.01
N GLU A 25 4.39 8.17 -12.79
N GLU A 25 4.39 8.17 -12.79
CA GLU A 25 5.70 8.57 -12.33
CA GLU A 25 5.71 8.58 -12.33
C GLU A 25 5.77 10.07 -12.08
C GLU A 25 5.75 10.07 -12.06
N ASP A 26 5.24 10.87 -13.00
CA ASP A 26 5.14 12.31 -12.74
C ASP A 26 4.32 12.58 -11.50
N MET A 27 3.17 11.93 -11.39
CA MET A 27 2.30 12.14 -10.24
C MET A 27 3.05 11.91 -8.96
N ALA A 28 3.83 10.85 -8.90
CA ALA A 28 4.55 10.53 -7.69
C ALA A 28 5.62 11.59 -7.41
N ALA A 29 6.31 12.06 -8.45
CA ALA A 29 7.31 13.10 -8.22
C ALA A 29 6.67 14.40 -7.73
N PHE A 30 5.51 14.76 -8.27
CA PHE A 30 4.82 15.96 -7.80
C PHE A 30 4.41 15.79 -6.33
N MET A 31 3.89 14.61 -5.97
CA MET A 31 3.47 14.41 -4.59
C MET A 31 4.66 14.30 -3.63
N LYS A 32 5.79 13.75 -4.04
CA LYS A 32 6.99 13.78 -3.23
C LYS A 32 7.37 15.24 -2.96
N GLY A 33 7.33 16.08 -4.03
CA GLY A 33 7.63 17.49 -3.83
C GLY A 33 6.66 18.16 -2.88
N ALA A 34 5.37 17.80 -2.95
CA ALA A 34 4.41 18.39 -2.03
C ALA A 34 4.70 17.97 -0.60
N VAL A 35 4.97 16.67 -0.36
CA VAL A 35 5.26 16.25 0.99
C VAL A 35 6.49 16.98 1.51
N GLU A 36 7.50 17.14 0.67
CA GLU A 36 8.72 17.78 1.11
C GLU A 36 8.55 19.27 1.43
N LYS A 37 7.42 19.88 1.12
CA LYS A 37 7.17 21.23 1.61
C LYS A 37 7.08 21.25 3.13
N GLY A 38 6.80 20.12 3.78
CA GLY A 38 6.87 20.05 5.24
C GLY A 38 5.55 20.19 5.94
N GLU A 39 4.49 20.58 5.24
N GLU A 39 4.48 20.58 5.24
CA GLU A 39 3.16 20.70 5.81
CA GLU A 39 3.15 20.71 5.79
C GLU A 39 2.48 19.33 5.82
C GLU A 39 2.47 19.34 5.80
N GLU A 40 1.55 19.17 6.75
CA GLU A 40 0.69 17.99 6.77
C GLU A 40 -0.16 17.92 5.49
N LEU A 41 -0.63 16.73 5.16
CA LEU A 41 -1.48 16.50 4.00
C LEU A 41 -2.93 16.36 4.42
N SER A 42 -3.83 16.88 3.64
CA SER A 42 -5.26 16.65 3.81
C SER A 42 -5.65 15.24 3.34
N CSO A 43 -6.91 14.78 3.56
N CSO A 43 -6.88 14.86 3.63
CA CSO A 43 -7.36 13.43 3.09
CA CSO A 43 -7.38 13.62 3.20
CB CSO A 43 -8.87 13.13 3.44
CB CSO A 43 -8.87 13.57 3.59
SG CSO A 43 -9.56 11.60 2.64
SG CSO A 43 -9.60 12.00 3.19
C CSO A 43 -7.18 13.32 1.59
C CSO A 43 -7.17 13.39 1.68
O CSO A 43 -6.73 12.30 1.08
O CSO A 43 -6.66 12.37 1.25
OD CSO A 43 -8.73 10.16 3.36
OD CSO A 43 -10.22 12.08 1.48
N GLU A 44 -7.58 14.37 0.88
CA GLU A 44 -7.50 14.27 -0.57
C GLU A 44 -6.04 14.15 -1.02
N GLU A 45 -5.16 14.90 -0.36
CA GLU A 45 -3.75 14.88 -0.73
C GLU A 45 -3.10 13.53 -0.33
N ARG A 46 -3.51 12.93 0.80
CA ARG A 46 -3.01 11.61 1.16
C ARG A 46 -3.40 10.59 0.11
N ASN A 47 -4.62 10.68 -0.41
CA ASN A 47 -5.03 9.78 -1.46
C ASN A 47 -4.22 10.03 -2.74
N LEU A 48 -3.90 11.27 -3.11
CA LEU A 48 -3.03 11.48 -4.27
C LEU A 48 -1.67 10.83 -4.08
N LEU A 49 -1.08 10.97 -2.90
CA LEU A 49 0.23 10.37 -2.61
C LEU A 49 0.15 8.86 -2.76
N SER A 50 -0.86 8.25 -2.13
CA SER A 50 -0.99 6.80 -2.21
C SER A 50 -1.25 6.32 -3.63
N VAL A 51 -2.18 6.94 -4.34
CA VAL A 51 -2.47 6.52 -5.72
C VAL A 51 -1.21 6.52 -6.57
N ALA A 52 -0.41 7.57 -6.43
CA ALA A 52 0.75 7.75 -7.31
C ALA A 52 1.75 6.63 -7.09
N TYR A 53 2.15 6.42 -5.84
CA TYR A 53 3.18 5.43 -5.57
C TYR A 53 2.65 4.02 -5.69
N LYS A 54 1.37 3.80 -5.37
CA LYS A 54 0.82 2.47 -5.52
C LYS A 54 0.83 2.05 -6.99
N ASN A 55 0.52 2.97 -7.89
N ASN A 55 0.54 2.98 -7.89
CA ASN A 55 0.56 2.64 -9.30
CA ASN A 55 0.57 2.67 -9.32
C ASN A 55 1.99 2.42 -9.79
C ASN A 55 2.00 2.44 -9.81
N VAL A 56 2.95 3.29 -9.39
CA VAL A 56 4.33 3.10 -9.84
C VAL A 56 4.84 1.76 -9.36
N VAL A 57 4.73 1.48 -8.06
N VAL A 57 4.75 1.49 -8.05
CA VAL A 57 5.29 0.24 -7.55
CA VAL A 57 5.29 0.22 -7.57
C VAL A 57 4.49 -0.95 -8.05
C VAL A 57 4.49 -0.94 -8.09
N GLY A 58 3.18 -0.78 -8.28
CA GLY A 58 2.38 -1.85 -8.86
C GLY A 58 2.90 -2.28 -10.22
N GLY A 59 3.27 -1.33 -11.07
CA GLY A 59 3.86 -1.68 -12.36
C GLY A 59 5.21 -2.36 -12.20
N GLN A 60 6.02 -1.91 -11.27
CA GLN A 60 7.30 -2.57 -11.06
C GLN A 60 7.12 -3.99 -10.55
N ARG A 61 6.17 -4.18 -9.62
CA ARG A 61 5.89 -5.52 -9.12
C ARG A 61 5.46 -6.44 -10.25
N ALA A 62 4.58 -5.96 -11.12
CA ALA A 62 4.12 -6.84 -12.19
C ALA A 62 5.29 -7.20 -13.11
N ALA A 63 6.18 -6.25 -13.39
CA ALA A 63 7.34 -6.55 -14.25
C ALA A 63 8.30 -7.49 -13.56
N TRP A 64 8.54 -7.31 -12.25
CA TRP A 64 9.42 -8.20 -11.51
C TRP A 64 8.86 -9.61 -11.52
N ARG A 65 7.54 -9.76 -11.42
CA ARG A 65 6.96 -11.10 -11.44
C ARG A 65 7.12 -11.76 -12.79
N VAL A 66 6.95 -11.00 -13.87
CA VAL A 66 7.19 -11.57 -15.21
C VAL A 66 8.64 -12.04 -15.31
N LEU A 67 9.58 -11.21 -14.91
CA LEU A 67 10.98 -11.54 -15.08
C LEU A 67 11.39 -12.69 -14.16
N SER A 68 10.88 -12.70 -12.92
N SER A 68 10.87 -12.72 -12.93
CA SER A 68 11.21 -13.77 -11.97
CA SER A 68 11.20 -13.80 -12.01
C SER A 68 10.70 -15.10 -12.46
C SER A 68 10.71 -15.12 -12.53
N SER A 69 9.53 -15.12 -13.13
CA SER A 69 8.99 -16.35 -13.70
C SER A 69 9.89 -16.85 -14.81
N ILE A 70 10.34 -15.95 -15.69
CA ILE A 70 11.26 -16.35 -16.77
C ILE A 70 12.55 -16.88 -16.17
N GLU A 71 13.08 -16.20 -15.16
CA GLU A 71 14.34 -16.62 -14.55
C GLU A 71 14.20 -18.00 -13.93
N GLN A 72 13.07 -18.25 -13.27
CA GLN A 72 12.87 -19.56 -12.62
C GLN A 72 12.77 -20.67 -13.66
N LYS A 73 12.07 -20.43 -14.76
CA LYS A 73 12.03 -21.42 -15.83
C LYS A 73 13.41 -21.67 -16.41
N SER A 74 14.22 -20.60 -16.55
CA SER A 74 15.59 -20.76 -17.05
C SER A 74 16.47 -21.57 -16.11
N ASN A 75 16.09 -21.69 -14.83
CA ASN A 75 16.87 -22.43 -13.84
C ASN A 75 16.24 -23.78 -13.50
N GLU A 80 18.30 -24.82 -20.80
CA GLU A 80 19.35 -24.19 -21.59
C GLU A 80 19.89 -22.91 -20.97
N GLU A 81 21.22 -22.75 -20.97
CA GLU A 81 21.85 -21.58 -20.39
C GLU A 81 21.57 -20.36 -21.25
N LYS A 82 20.77 -19.44 -20.72
CA LYS A 82 20.48 -18.18 -21.41
C LYS A 82 21.52 -17.10 -21.12
N GLY A 83 22.53 -17.39 -20.29
CA GLY A 83 23.47 -16.38 -19.87
C GLY A 83 22.93 -15.58 -18.71
N PRO A 84 23.65 -14.54 -18.30
CA PRO A 84 23.27 -13.78 -17.11
C PRO A 84 22.16 -12.75 -17.33
N GLU A 85 21.62 -12.58 -18.54
CA GLU A 85 20.82 -11.40 -18.84
C GLU A 85 19.49 -11.35 -18.08
N VAL A 86 18.81 -12.48 -17.97
CA VAL A 86 17.51 -12.47 -17.27
C VAL A 86 17.69 -12.10 -15.82
N ARG A 87 18.67 -12.71 -15.17
CA ARG A 87 18.95 -12.38 -13.78
C ARG A 87 19.37 -10.92 -13.65
N GLU A 88 20.23 -10.44 -14.55
CA GLU A 88 20.68 -9.06 -14.48
C GLU A 88 19.51 -8.12 -14.61
N TYR A 89 18.62 -8.40 -15.55
CA TYR A 89 17.51 -7.48 -15.79
C TYR A 89 16.49 -7.56 -14.65
N ARG A 90 16.20 -8.75 -14.14
CA ARG A 90 15.35 -8.86 -12.95
C ARG A 90 15.96 -8.09 -11.79
N GLU A 91 17.29 -8.17 -11.61
CA GLU A 91 17.96 -7.42 -10.55
C GLU A 91 17.83 -5.93 -10.77
N LYS A 92 17.90 -5.47 -12.01
CA LYS A 92 17.75 -4.04 -12.30
C LYS A 92 16.35 -3.57 -11.88
N VAL A 93 15.32 -4.28 -12.32
CA VAL A 93 13.95 -3.93 -11.95
C VAL A 93 13.76 -4.00 -10.43
N GLU A 94 14.33 -5.03 -9.79
CA GLU A 94 14.23 -5.18 -8.34
C GLU A 94 14.87 -4.01 -7.60
N THR A 95 16.03 -3.54 -8.07
CA THR A 95 16.67 -2.43 -7.42
C THR A 95 15.86 -1.16 -7.57
N GLU A 96 15.25 -0.94 -8.75
N GLU A 96 15.27 -0.96 -8.75
CA GLU A 96 14.42 0.26 -8.93
CA GLU A 96 14.44 0.21 -8.95
C GLU A 96 13.18 0.19 -8.05
C GLU A 96 13.23 0.17 -8.00
N LEU A 97 12.58 -0.99 -7.92
CA LEU A 97 11.43 -1.18 -7.02
C LEU A 97 11.83 -0.89 -5.58
N GLN A 98 12.97 -1.44 -5.13
CA GLN A 98 13.41 -1.17 -3.77
C GLN A 98 13.66 0.31 -3.58
N GLY A 99 14.19 1.00 -4.59
CA GLY A 99 14.42 2.41 -4.46
C GLY A 99 13.14 3.22 -4.29
N VAL A 100 12.10 2.89 -5.02
CA VAL A 100 10.83 3.57 -4.85
C VAL A 100 10.26 3.28 -3.46
N CYS A 101 10.27 2.02 -3.01
CA CYS A 101 9.79 1.71 -1.67
C CYS A 101 10.57 2.48 -0.63
N ASP A 102 11.90 2.53 -0.75
CA ASP A 102 12.70 3.30 0.19
C ASP A 102 12.32 4.77 0.17
N THR A 103 12.02 5.31 -1.00
CA THR A 103 11.62 6.72 -1.08
C THR A 103 10.32 6.95 -0.31
N VAL A 104 9.33 6.10 -0.54
CA VAL A 104 8.04 6.25 0.17
C VAL A 104 8.24 6.11 1.67
N LEU A 105 8.98 5.09 2.09
CA LEU A 105 9.23 4.90 3.51
C LEU A 105 9.94 6.10 4.08
N GLY A 106 10.84 6.69 3.29
CA GLY A 106 11.54 7.88 3.78
C GLY A 106 10.60 9.06 3.97
N LEU A 107 9.63 9.25 3.08
CA LEU A 107 8.64 10.32 3.26
C LEU A 107 7.80 10.07 4.52
N LEU A 108 7.40 8.81 4.73
CA LEU A 108 6.61 8.51 5.91
C LEU A 108 7.40 8.77 7.17
N ASP A 109 8.69 8.44 7.17
CA ASP A 109 9.53 8.64 8.33
C ASP A 109 10.00 10.07 8.49
N SER A 110 9.92 10.88 7.48
CA SER A 110 10.48 12.24 7.51
C SER A 110 9.54 13.16 6.75
N HIS A 111 8.43 13.59 7.35
CA HIS A 111 8.04 13.37 8.76
C HIS A 111 6.54 13.13 8.87
N LEU A 112 5.95 12.41 7.89
CA LEU A 112 4.49 12.32 7.85
C LEU A 112 3.92 11.63 9.08
N ILE A 113 4.47 10.49 9.45
CA ILE A 113 3.91 9.74 10.58
C ILE A 113 4.03 10.53 11.86
N LYS A 114 5.21 11.08 12.14
CA LYS A 114 5.37 11.71 13.45
C LYS A 114 4.48 12.93 13.61
N GLU A 115 4.10 13.60 12.53
CA GLU A 115 3.22 14.75 12.66
C GLU A 115 1.74 14.38 12.59
N ALA A 116 1.40 13.13 12.30
CA ALA A 116 -0.01 12.70 12.14
C ALA A 116 -0.59 12.29 13.52
N GLY A 117 -1.49 13.10 14.02
CA GLY A 117 -2.10 12.87 15.33
C GLY A 117 -3.53 12.39 15.25
N ASP A 118 -4.23 12.75 14.19
CA ASP A 118 -5.58 12.26 14.10
C ASP A 118 -5.54 10.82 13.65
N ALA A 119 -6.48 10.04 14.16
CA ALA A 119 -6.46 8.61 13.88
C ALA A 119 -6.51 8.34 12.39
N GLU A 120 -7.31 9.11 11.62
CA GLU A 120 -7.45 8.85 10.19
C GLU A 120 -6.12 9.04 9.47
N SER A 121 -5.39 10.10 9.80
CA SER A 121 -4.12 10.30 9.10
C SER A 121 -3.08 9.29 9.56
N ARG A 122 -2.98 9.05 10.86
CA ARG A 122 -1.94 8.18 11.35
C ARG A 122 -2.15 6.74 10.88
N VAL A 123 -3.37 6.24 10.92
CA VAL A 123 -3.66 4.91 10.38
C VAL A 123 -3.35 4.85 8.89
N PHE A 124 -3.74 5.87 8.12
CA PHE A 124 -3.46 5.87 6.70
C PHE A 124 -1.96 5.69 6.46
N TYR A 125 -1.12 6.47 7.16
CA TYR A 125 0.31 6.42 6.89
C TYR A 125 0.93 5.12 7.39
N LEU A 126 0.46 4.58 8.52
CA LEU A 126 1.01 3.30 9.00
C LEU A 126 0.60 2.14 8.11
N LYS A 127 -0.61 2.19 7.53
CA LYS A 127 -1.01 1.22 6.50
C LYS A 127 -0.07 1.31 5.30
N MET A 128 0.24 2.53 4.83
CA MET A 128 1.21 2.67 3.75
C MET A 128 2.56 2.10 4.16
N LYS A 129 3.01 2.38 5.37
CA LYS A 129 4.30 1.85 5.80
C LYS A 129 4.30 0.33 5.74
N GLY A 130 3.25 -0.30 6.26
CA GLY A 130 3.13 -1.75 6.15
C GLY A 130 3.19 -2.22 4.70
N ASP A 131 2.46 -1.54 3.81
CA ASP A 131 2.42 -1.92 2.40
C ASP A 131 3.80 -1.87 1.76
N TYR A 132 4.57 -0.79 2.01
CA TYR A 132 5.86 -0.68 1.29
C TYR A 132 6.90 -1.61 1.87
N TYR A 133 6.83 -1.92 3.17
CA TYR A 133 7.66 -3.02 3.66
C TYR A 133 7.19 -4.36 3.11
N ARG A 134 5.88 -4.57 2.91
CA ARG A 134 5.41 -5.78 2.28
C ARG A 134 5.95 -5.92 0.86
N TYR A 135 5.94 -4.83 0.07
CA TYR A 135 6.51 -4.89 -1.28
C TYR A 135 8.00 -5.21 -1.22
N LEU A 136 8.74 -4.62 -0.27
CA LEU A 136 10.15 -5.01 -0.10
C LEU A 136 10.25 -6.50 0.23
N ALA A 137 9.35 -7.02 1.09
CA ALA A 137 9.42 -8.44 1.49
C ALA A 137 9.15 -9.35 0.32
N GLU A 138 8.35 -8.94 -0.66
CA GLU A 138 8.04 -9.80 -1.79
C GLU A 138 9.29 -10.14 -2.59
N VAL A 139 10.30 -9.27 -2.59
CA VAL A 139 11.54 -9.47 -3.38
C VAL A 139 12.72 -9.80 -2.50
N ALA A 140 12.54 -9.88 -1.20
CA ALA A 140 13.66 -10.07 -0.30
C ALA A 140 14.03 -11.53 -0.18
N THR A 141 15.34 -11.77 -0.09
CA THR A 141 15.96 -13.10 0.07
C THR A 141 17.13 -13.14 1.06
N GLY A 142 17.75 -12.03 1.42
CA GLY A 142 19.01 -12.02 2.17
C GLY A 142 18.86 -12.01 3.68
N ASP A 143 19.88 -11.46 4.35
CA ASP A 143 19.94 -11.51 5.81
C ASP A 143 18.84 -10.68 6.46
N ASP A 144 18.31 -9.69 5.76
CA ASP A 144 17.32 -8.78 6.32
C ASP A 144 15.89 -9.17 5.99
N LYS A 145 15.66 -10.32 5.34
CA LYS A 145 14.30 -10.67 4.91
C LYS A 145 13.35 -10.81 6.12
N LYS A 146 13.81 -11.47 7.17
CA LYS A 146 12.97 -11.59 8.35
C LYS A 146 12.71 -10.24 8.98
N ARG A 147 13.72 -9.36 9.04
CA ARG A 147 13.54 -8.04 9.61
C ARG A 147 12.61 -7.20 8.74
N ILE A 148 12.63 -7.35 7.40
CA ILE A 148 11.72 -6.59 6.55
C ILE A 148 10.27 -7.04 6.80
N ILE A 149 10.06 -8.35 6.92
CA ILE A 149 8.74 -8.89 7.24
C ILE A 149 8.27 -8.36 8.57
N ASP A 150 9.15 -8.33 9.57
CA ASP A 150 8.70 -7.84 10.86
C ASP A 150 8.40 -6.36 10.86
N SER A 151 9.13 -5.60 10.03
CA SER A 151 8.83 -4.18 9.92
C SER A 151 7.45 -3.96 9.33
N ALA A 152 7.07 -4.76 8.34
CA ALA A 152 5.70 -4.64 7.81
C ALA A 152 4.68 -4.98 8.89
N ARG A 153 4.88 -6.11 9.57
N ARG A 153 4.90 -6.11 9.56
CA ARG A 153 3.96 -6.55 10.59
CA ARG A 153 3.99 -6.56 10.59
C ARG A 153 3.79 -5.51 11.67
C ARG A 153 3.80 -5.50 11.66
N SER A 154 4.89 -4.90 12.11
CA SER A 154 4.83 -3.94 13.21
C SER A 154 4.05 -2.71 12.80
N ALA A 155 4.25 -2.23 11.57
CA ALA A 155 3.50 -1.07 11.11
C ALA A 155 2.02 -1.38 11.00
N TYR A 156 1.67 -2.50 10.36
CA TYR A 156 0.26 -2.88 10.25
C TYR A 156 -0.36 -3.04 11.64
N GLN A 157 0.38 -3.65 12.58
CA GLN A 157 -0.17 -3.90 13.92
C GLN A 157 -0.46 -2.59 14.65
N GLU A 158 0.45 -1.63 14.57
CA GLU A 158 0.19 -0.33 15.20
C GLU A 158 -1.05 0.31 14.58
N ALA A 159 -1.16 0.25 13.25
CA ALA A 159 -2.34 0.81 12.59
C ALA A 159 -3.61 0.10 13.04
N MET A 160 -3.55 -1.23 13.19
N MET A 160 -3.53 -1.22 13.18
CA MET A 160 -4.73 -1.98 13.62
CA MET A 160 -4.68 -2.00 13.60
C MET A 160 -5.13 -1.57 15.02
C MET A 160 -5.11 -1.62 15.00
N ASP A 161 -4.15 -1.44 15.90
CA ASP A 161 -4.49 -1.10 17.29
C ASP A 161 -5.18 0.26 17.35
N ILE A 162 -4.69 1.26 16.59
CA ILE A 162 -5.33 2.56 16.60
C ILE A 162 -6.71 2.47 15.98
N SER A 163 -6.83 1.76 14.83
CA SER A 163 -8.11 1.70 14.15
C SER A 163 -9.18 1.06 15.00
N LYS A 164 -8.83 0.01 15.77
CA LYS A 164 -9.86 -0.64 16.56
C LYS A 164 -10.31 0.25 17.72
N LYS A 165 -9.44 1.10 18.25
CA LYS A 165 -9.82 2.01 19.33
C LYS A 165 -10.57 3.24 18.84
N GLU A 166 -10.25 3.77 17.65
CA GLU A 166 -10.65 5.10 17.25
C GLU A 166 -11.61 5.16 16.08
N MET A 167 -11.85 4.07 15.35
CA MET A 167 -12.70 4.12 14.17
C MET A 167 -13.79 3.07 14.25
N PRO A 168 -14.94 3.32 13.64
CA PRO A 168 -15.98 2.29 13.61
C PRO A 168 -15.58 1.18 12.68
N PRO A 169 -16.20 0.02 12.80
CA PRO A 169 -15.75 -1.13 12.04
C PRO A 169 -16.06 -1.04 10.57
N THR A 170 -16.87 -0.06 10.12
CA THR A 170 -17.09 0.17 8.71
C THR A 170 -16.17 1.24 8.13
N ASN A 171 -15.33 1.89 8.94
CA ASN A 171 -14.53 2.99 8.37
C ASN A 171 -13.69 2.45 7.21
N PRO A 172 -13.71 3.09 6.04
CA PRO A 172 -13.02 2.49 4.88
C PRO A 172 -11.50 2.35 5.06
N ILE A 173 -10.87 3.27 5.79
CA ILE A 173 -9.43 3.10 6.07
C ILE A 173 -9.20 1.88 6.96
N ARG A 174 -10.00 1.73 8.00
CA ARG A 174 -9.92 0.52 8.85
C ARG A 174 -10.13 -0.73 8.01
N LEU A 175 -11.09 -0.72 7.11
CA LEU A 175 -11.35 -1.87 6.28
C LEU A 175 -10.19 -2.17 5.33
N GLY A 176 -9.69 -1.12 4.62
CA GLY A 176 -8.57 -1.35 3.71
C GLY A 176 -7.32 -1.82 4.43
N LEU A 177 -7.08 -1.28 5.62
CA LEU A 177 -5.97 -1.75 6.42
C LEU A 177 -6.11 -3.23 6.71
N ALA A 178 -7.28 -3.65 7.17
CA ALA A 178 -7.50 -5.07 7.48
C ALA A 178 -7.34 -5.94 6.25
N LEU A 179 -7.87 -5.48 5.11
CA LEU A 179 -7.67 -6.19 3.85
C LEU A 179 -6.19 -6.40 3.57
N ASN A 180 -5.42 -5.33 3.61
CA ASN A 180 -3.99 -5.42 3.25
C ASN A 180 -3.23 -6.24 4.26
N PHE A 181 -3.54 -6.10 5.55
CA PHE A 181 -2.85 -6.91 6.57
C PHE A 181 -3.20 -8.38 6.40
N SER A 182 -4.45 -8.65 5.99
N SER A 182 -4.45 -8.68 5.96
CA SER A 182 -4.83 -10.02 5.71
CA SER A 182 -4.78 -10.08 5.70
C SER A 182 -4.00 -10.59 4.54
C SER A 182 -3.99 -10.61 4.50
N VAL A 183 -3.80 -9.78 3.47
CA VAL A 183 -2.93 -10.20 2.36
C VAL A 183 -1.51 -10.45 2.86
N PHE A 184 -0.96 -9.56 3.70
CA PHE A 184 0.33 -9.79 4.34
C PHE A 184 0.38 -11.17 5.00
N HIS A 185 -0.63 -11.47 5.84
CA HIS A 185 -0.62 -12.77 6.53
C HIS A 185 -0.59 -13.92 5.54
N TYR A 186 -1.38 -13.84 4.48
CA TYR A 186 -1.50 -14.98 3.55
C TYR A 186 -0.25 -15.10 2.68
N GLU A 187 0.22 -13.99 2.13
CA GLU A 187 1.19 -14.05 1.04
C GLU A 187 2.62 -13.88 1.52
N ILE A 188 2.84 -13.24 2.66
CA ILE A 188 4.18 -12.92 3.13
C ILE A 188 4.52 -13.75 4.37
N ALA A 189 3.62 -13.77 5.37
CA ALA A 189 3.93 -14.32 6.68
C ALA A 189 3.65 -15.81 6.76
N ASN A 190 3.16 -16.42 5.69
CA ASN A 190 2.83 -17.86 5.71
C ASN A 190 1.82 -18.21 6.81
N SER A 191 0.82 -17.35 6.99
CA SER A 191 -0.17 -17.50 8.05
C SER A 191 -1.54 -17.44 7.41
N PRO A 192 -1.89 -18.41 6.56
CA PRO A 192 -3.19 -18.33 5.88
C PRO A 192 -4.37 -18.38 6.85
N GLU A 193 -4.28 -19.12 7.95
CA GLU A 193 -5.40 -19.11 8.90
C GLU A 193 -5.59 -17.76 9.54
N GLU A 194 -4.50 -17.05 9.89
CA GLU A 194 -4.63 -15.70 10.43
C GLU A 194 -5.25 -14.77 9.39
N ALA A 195 -4.87 -14.93 8.14
CA ALA A 195 -5.41 -14.11 7.06
C ALA A 195 -6.90 -14.32 6.93
N ILE A 196 -7.35 -15.59 6.93
CA ILE A 196 -8.77 -15.90 6.81
C ILE A 196 -9.54 -15.38 8.02
N SER A 197 -9.00 -15.60 9.20
CA SER A 197 -9.69 -15.16 10.40
C SER A 197 -9.85 -13.63 10.42
N LEU A 198 -8.78 -12.90 10.06
CA LEU A 198 -8.86 -11.44 10.04
C LEU A 198 -9.88 -10.99 9.01
N ALA A 199 -9.86 -11.57 7.81
CA ALA A 199 -10.80 -11.13 6.79
C ALA A 199 -12.25 -11.40 7.22
N LYS A 200 -12.49 -12.61 7.79
CA LYS A 200 -13.85 -12.97 8.22
C LYS A 200 -14.35 -12.06 9.33
N THR A 201 -13.56 -11.88 10.39
N THR A 201 -13.56 -11.85 10.38
CA THR A 201 -14.00 -11.05 11.49
CA THR A 201 -14.06 -11.03 11.49
C THR A 201 -14.24 -9.63 11.03
C THR A 201 -14.21 -9.58 11.07
N THR A 202 -13.33 -9.10 10.19
CA THR A 202 -13.50 -7.73 9.68
C THR A 202 -14.79 -7.62 8.89
N PHE A 203 -15.04 -8.57 8.00
CA PHE A 203 -16.24 -8.54 7.19
C PHE A 203 -17.50 -8.56 8.06
N ASP A 204 -17.52 -9.45 9.06
CA ASP A 204 -18.73 -9.66 9.85
C ASP A 204 -18.97 -8.47 10.76
N GLU A 205 -17.93 -7.86 11.29
CA GLU A 205 -18.13 -6.71 12.15
C GLU A 205 -18.55 -5.50 11.34
N ALA A 206 -18.07 -5.39 10.10
CA ALA A 206 -18.55 -4.30 9.24
C ALA A 206 -20.01 -4.51 8.87
N MET A 207 -20.37 -5.73 8.50
CA MET A 207 -21.75 -6.01 8.14
C MET A 207 -22.71 -5.55 9.22
N ALA A 208 -22.38 -5.82 10.47
CA ALA A 208 -23.24 -5.49 11.59
C ALA A 208 -23.32 -4.00 11.88
N ASP A 209 -22.47 -3.18 11.27
CA ASP A 209 -22.50 -1.74 11.48
C ASP A 209 -23.02 -0.99 10.25
N LEU A 210 -23.32 -1.68 9.14
CA LEU A 210 -23.79 -1.00 7.93
C LEU A 210 -25.07 -0.19 8.18
N HIS A 211 -25.91 -0.65 9.13
CA HIS A 211 -27.19 0.00 9.37
C HIS A 211 -27.02 1.45 9.82
N THR A 212 -25.82 1.82 10.30
CA THR A 212 -25.62 3.19 10.78
C THR A 212 -25.26 4.16 9.68
N LEU A 213 -25.02 3.72 8.47
CA LEU A 213 -24.38 4.51 7.43
C LEU A 213 -25.37 5.15 6.47
N SER A 214 -24.97 6.31 5.94
CA SER A 214 -25.62 6.92 4.80
C SER A 214 -25.38 6.10 3.55
N GLU A 215 -26.10 6.44 2.48
CA GLU A 215 -25.93 5.72 1.22
C GLU A 215 -24.49 5.81 0.71
N ASP A 216 -23.88 6.98 0.81
CA ASP A 216 -22.53 7.09 0.25
C ASP A 216 -21.49 6.34 1.09
N SER A 217 -21.61 6.39 2.43
CA SER A 217 -20.70 5.61 3.28
C SER A 217 -20.93 4.12 3.11
N TYR A 218 -22.20 3.72 2.98
CA TYR A 218 -22.53 2.33 2.72
C TYR A 218 -21.85 1.85 1.47
N LYS A 219 -21.87 2.66 0.40
CA LYS A 219 -21.24 2.23 -0.83
C LYS A 219 -19.75 1.96 -0.62
N ASP A 220 -19.07 2.87 0.08
CA ASP A 220 -17.62 2.70 0.26
C ASP A 220 -17.32 1.47 1.11
N SER A 221 -18.07 1.27 2.18
CA SER A 221 -17.77 0.15 3.06
C SER A 221 -18.06 -1.17 2.37
N THR A 222 -19.17 -1.24 1.64
CA THR A 222 -19.50 -2.48 0.95
C THR A 222 -18.53 -2.78 -0.18
N LEU A 223 -17.99 -1.75 -0.85
CA LEU A 223 -16.99 -2.00 -1.87
C LEU A 223 -15.78 -2.76 -1.31
N ILE A 224 -15.31 -2.35 -0.13
CA ILE A 224 -14.13 -3.00 0.46
C ILE A 224 -14.53 -4.32 1.05
N MET A 225 -15.75 -4.44 1.59
CA MET A 225 -16.20 -5.75 2.07
C MET A 225 -16.20 -6.77 0.96
N GLN A 226 -16.56 -6.34 -0.27
CA GLN A 226 -16.54 -7.29 -1.37
C GLN A 226 -15.14 -7.78 -1.67
N LEU A 227 -14.15 -6.90 -1.55
CA LEU A 227 -12.75 -7.32 -1.70
C LEU A 227 -12.37 -8.34 -0.65
N LEU A 228 -12.79 -8.13 0.62
CA LEU A 228 -12.54 -9.13 1.65
C LEU A 228 -13.18 -10.46 1.26
N ARG A 229 -14.44 -10.40 0.81
CA ARG A 229 -15.14 -11.62 0.42
C ARG A 229 -14.45 -12.30 -0.76
N ASP A 230 -13.98 -11.52 -1.74
CA ASP A 230 -13.29 -12.11 -2.90
C ASP A 230 -12.06 -12.88 -2.45
N ASN A 231 -11.30 -12.32 -1.49
CA ASN A 231 -10.14 -13.03 -1.01
C ASN A 231 -10.56 -14.28 -0.26
N LEU A 232 -11.57 -14.17 0.59
CA LEU A 232 -12.02 -15.35 1.32
C LEU A 232 -12.46 -16.45 0.37
N THR A 233 -13.14 -16.10 -0.71
CA THR A 233 -13.52 -17.10 -1.72
C THR A 233 -12.28 -17.75 -2.37
N LEU A 234 -11.25 -16.94 -2.64
CA LEU A 234 -10.03 -17.51 -3.20
C LEU A 234 -9.31 -18.41 -2.21
N TRP A 235 -9.35 -18.11 -0.92
CA TRP A 235 -8.52 -18.78 0.07
C TRP A 235 -9.22 -19.97 0.73
N THR A 236 -10.51 -20.17 0.48
CA THR A 236 -11.25 -21.22 1.19
C THR A 236 -12.05 -22.10 0.25
N ALA B 5 -4.21 -12.35 -2.10
CA ALA B 5 -4.93 -12.08 -3.36
C ALA B 5 -5.00 -10.60 -3.72
N GLY B 6 -6.15 -9.95 -3.59
CA GLY B 6 -6.25 -8.54 -3.88
C GLY B 6 -6.10 -7.62 -2.66
N SEP B 7 -5.24 -6.62 -2.79
CA SEP B 7 -5.15 -5.52 -1.82
CB SEP B 7 -3.66 -5.15 -1.65
OG SEP B 7 -3.17 -4.78 -2.96
C SEP B 7 -5.99 -4.34 -2.22
O SEP B 7 -6.61 -4.34 -3.32
P SEP B 7 -1.58 -4.65 -3.14
O1P SEP B 7 -1.46 -4.15 -4.62
O2P SEP B 7 -0.92 -5.99 -2.94
O3P SEP B 7 -1.09 -3.60 -2.14
N ILE B 8 -6.01 -3.31 -1.42
CA ILE B 8 -6.88 -2.17 -1.73
C ILE B 8 -6.39 -1.43 -2.98
N PRO B 9 -7.29 -1.02 -3.87
CA PRO B 9 -6.86 -0.21 -5.03
C PRO B 9 -6.65 1.22 -4.60
N GLY B 10 -5.95 1.99 -5.47
CA GLY B 10 -5.72 3.40 -5.17
C GLY B 10 -6.97 4.27 -5.26
N ARG B 11 -7.88 3.92 -6.19
CA ARG B 11 -9.15 4.61 -6.37
C ARG B 11 -10.26 3.57 -6.25
N ARG B 12 -11.48 4.06 -6.01
CA ARG B 12 -12.64 3.16 -5.85
C ARG B 12 -12.85 2.23 -7.05
N SER B 13 -12.50 2.68 -8.26
CA SER B 13 -12.67 1.84 -9.44
C SER B 13 -11.67 0.69 -9.52
C01 TQW C . -12.50 -0.26 -2.95
C03 TQW C . -12.70 1.85 -1.82
C04 TQW C . -13.47 2.70 -0.97
C05 TQW C . -13.00 3.93 -0.56
C06 TQW C . -11.71 4.31 -1.05
C10 TQW C . -9.51 4.81 1.44
C11 TQW C . -9.80 3.56 1.97
C12 TQW C . -8.73 2.73 2.33
C13 TQW C . -7.42 3.19 2.11
C14 TQW C . -7.16 4.44 1.57
C15 TQW C . -8.21 5.26 1.25
C16 TQW C . -6.17 2.40 2.42
C19 TQW C . -10.30 6.35 -1.56
C20 TQW C . -9.63 5.54 -2.62
C21 TQW C . -9.57 4.03 -2.36
C22 TQW C . -10.95 3.49 -1.87
C23 TQW C . -11.43 2.24 -2.31
N07 TQW C . -11.16 5.62 -0.64
O02 TQW C . -13.26 0.64 -2.20
O09 TQW C . -12.07 5.56 1.78
O18 TQW C . -10.44 7.30 1.11
S08 TQW C . -10.86 5.87 0.98
C1 GOL D . -11.26 -21.24 -4.91
O1 GOL D . -11.85 -20.10 -5.45
C2 GOL D . -12.24 -21.91 -3.88
O2 GOL D . -12.32 -23.29 -3.99
C3 GOL D . -13.62 -21.23 -4.02
O3 GOL D . -14.01 -20.94 -2.71
CA CA E . -0.43 16.99 13.42
CA CA F . 19.38 -28.22 -25.00
CL CL G . 5.38 21.03 -15.05
C1 PEG H . -12.45 6.78 -8.43
O1 PEG H . -12.59 5.51 -9.03
C2 PEG H . -12.50 6.43 -6.98
O2 PEG H . -12.23 7.33 -6.05
C3 PEG H . -11.31 7.21 -5.08
C4 PEG H . -11.06 8.64 -4.66
O4 PEG H . -10.09 8.63 -3.71
#